data_5KCJ
#
_entry.id   5KCJ
#
_cell.length_a   54.410
_cell.length_b   89.730
_cell.length_c   124.700
_cell.angle_alpha   90.00
_cell.angle_beta   90.00
_cell.angle_gamma   90.00
#
_symmetry.space_group_name_H-M   'P 21 21 21'
#
loop_
_entity.id
_entity.type
_entity.pdbx_description
1 polymer 'Glutamate receptor ionotropic, NMDA 2A'
2 polymer 'Glutamate receptor ionotropic, NMDA 1'
3 non-polymer 'ACETATE ION'
4 non-polymer 'GLUTAMIC ACID'
5 non-polymer GLYCINE
6 non-polymer 7-[(4-fluoranylphenoxy)methyl]-3-[(1~{R},2~{R})-2-(hydroxymethyl)cyclopropyl]-2-methyl-[1,3]thiazolo[3,2-a]pyrimidin-5-one
7 water water
#
loop_
_entity_poly.entity_id
_entity_poly.type
_entity_poly.pdbx_seq_one_letter_code
_entity_poly.pdbx_strand_id
1 'polypeptide(L)'
;GSPDDNHLSIVTLEEAPFVIVEDIDPLTETCVRNTVPCRKFVKINNSTNEGMNVKKCCKGFCIDILKKLSRTVKFTYDLY
LVTNGKHGKKVNNVWNGMIGEVVYQRAVMAVGSLTINEERSEVVDFSVPFVETGISVMVSRGTQVTGLSDKKFQRPHDYS
PPFRFGTVPNGSTERNIRNNYPYMHQYMTKFNQKGVEDALVSLKTGKLDAFIYDAAVLNYKAGRDEGCKLVTIGSGYIFA
TTGYGIALQKGSPWKRQIDLALLQFVGDGEMEELETLWLTGICHN
;
A
2 'polypeptide(L)'
;GSMSTRLKIVTIHQEPFVYVKPTLSDGTCKEEFTVNGDPVKKVICTGPNDTSPGSPRHTVPQCCYGFCIDLLIKLARTMN
FTYEVHLVADGKFGTQERVNNSNKKEWNGMMGELLSGQADMIVAPLTINNERAQYIEFSKPFKYQGLTILVKKGTRITGI
NDPRLRNPSDKFIYATVKQSSVDIYFRRQVELSTMYRHMEKHNYESAAEAIQAVRDNKLHAFIWDSAVLEFEASQKCDLV
TTGELFFRSGFGIGMRKDSPWKQNVSLSILKSHENGFMEDLDKTWVRYQECDS
;
B
#
loop_
_chem_comp.id
_chem_comp.type
_chem_comp.name
_chem_comp.formula
6RM non-polymer 7-[(4-fluoranylphenoxy)methyl]-3-[(1~{R},2~{R})-2-(hydroxymethyl)cyclopropyl]-2-methyl-[1,3]thiazolo[3,2-a]pyrimidin-5-one 'C18 H17 F N2 O3 S'
ACT non-polymer 'ACETATE ION' 'C2 H3 O2 -1'
#
# COMPACT_ATOMS: atom_id res chain seq x y z
N ASP A 5 -24.57 8.71 -19.34
CA ASP A 5 -24.87 8.61 -17.93
C ASP A 5 -23.62 8.84 -17.06
N ASN A 6 -23.01 10.00 -17.24
CA ASN A 6 -21.84 10.38 -16.51
C ASN A 6 -22.06 11.46 -15.43
N HIS A 7 -23.26 11.55 -14.90
CA HIS A 7 -23.51 12.42 -13.76
C HIS A 7 -23.74 11.56 -12.52
N LEU A 8 -22.76 11.57 -11.65
CA LEU A 8 -22.66 10.58 -10.62
C LEU A 8 -22.98 11.05 -9.22
N SER A 9 -23.80 10.25 -8.56
CA SER A 9 -24.09 10.44 -7.18
C SER A 9 -22.92 9.92 -6.37
N ILE A 10 -22.32 10.80 -5.59
CA ILE A 10 -21.13 10.47 -4.83
C ILE A 10 -21.33 10.82 -3.36
N VAL A 11 -21.01 9.86 -2.47
CA VAL A 11 -21.09 10.03 -1.02
C VAL A 11 -19.71 10.32 -0.41
N THR A 12 -19.73 11.12 0.63
CA THR A 12 -18.54 11.50 1.38
C THR A 12 -18.93 11.62 2.86
N LEU A 13 -17.93 11.96 3.68
CA LEU A 13 -18.05 12.09 5.12
C LEU A 13 -16.94 12.99 5.59
N GLU A 14 -17.24 13.91 6.48
CA GLU A 14 -16.23 14.81 7.03
C GLU A 14 -15.27 14.10 7.98
N GLU A 15 -13.97 14.34 7.77
CA GLU A 15 -12.85 13.88 8.56
C GLU A 15 -11.62 14.66 8.10
N ALA A 16 -11.37 15.80 8.74
CA ALA A 16 -10.23 16.68 8.43
C ALA A 16 -8.87 15.89 8.49
N PRO A 17 -7.91 16.08 7.55
CA PRO A 17 -7.88 17.04 6.42
C PRO A 17 -8.28 16.37 5.10
N PHE A 18 -8.84 15.17 5.17
CA PHE A 18 -9.24 14.40 3.98
C PHE A 18 -10.51 14.95 3.42
N VAL A 19 -11.47 15.28 4.30
CA VAL A 19 -12.75 15.88 3.90
C VAL A 19 -13.10 16.90 4.99
N ILE A 20 -13.16 18.17 4.61
CA ILE A 20 -13.49 19.30 5.50
C ILE A 20 -14.78 19.94 4.99
N VAL A 21 -15.74 20.20 5.90
CA VAL A 21 -17.04 20.78 5.54
C VAL A 21 -17.14 22.25 6.04
N GLU A 22 -17.60 23.15 5.16
CA GLU A 22 -17.79 24.59 5.42
C GLU A 22 -19.16 25.07 5.02
N ASP A 23 -19.61 26.16 5.66
CA ASP A 23 -20.88 26.80 5.35
C ASP A 23 -20.73 27.53 4.02
N ILE A 24 -21.79 27.50 3.18
CA ILE A 24 -21.80 28.17 1.88
C ILE A 24 -21.72 29.72 2.09
N ASP A 25 -21.03 30.44 1.17
CA ASP A 25 -20.81 31.90 1.23
C ASP A 25 -22.06 32.74 1.62
N PRO A 26 -21.91 33.81 2.44
CA PRO A 26 -23.09 34.62 2.82
C PRO A 26 -23.59 35.51 1.67
N LEU A 27 -22.65 36.14 0.94
CA LEU A 27 -22.95 37.02 -0.18
C LEU A 27 -23.31 36.18 -1.42
N THR A 28 -22.35 35.39 -1.93
CA THR A 28 -22.50 34.57 -3.14
C THR A 28 -23.56 33.47 -3.05
N GLU A 29 -23.68 32.81 -1.88
CA GLU A 29 -24.57 31.66 -1.62
C GLU A 29 -24.15 30.46 -2.49
N THR A 30 -22.86 30.48 -2.96
CA THR A 30 -22.19 29.49 -3.80
C THR A 30 -20.82 29.11 -3.15
N CYS A 31 -20.22 27.98 -3.62
CA CYS A 31 -18.94 27.50 -3.12
C CYS A 31 -17.83 28.03 -3.98
N VAL A 32 -16.89 28.71 -3.34
CA VAL A 32 -15.76 29.31 -4.01
C VAL A 32 -14.42 28.63 -3.66
N ARG A 33 -13.31 29.21 -4.15
CA ARG A 33 -11.92 28.82 -3.94
C ARG A 33 -11.67 27.35 -4.27
N ASN A 34 -11.00 26.61 -3.35
CA ASN A 34 -10.69 25.19 -3.51
C ASN A 34 -11.85 24.26 -3.01
N THR A 35 -13.08 24.79 -2.88
CA THR A 35 -14.23 24.02 -2.40
C THR A 35 -15.17 23.59 -3.51
N VAL A 36 -15.94 22.52 -3.26
CA VAL A 36 -16.95 22.00 -4.18
C VAL A 36 -18.30 21.92 -3.47
N PRO A 37 -19.44 22.00 -4.20
CA PRO A 37 -20.73 21.86 -3.52
C PRO A 37 -20.94 20.44 -2.96
N CYS A 38 -21.44 20.35 -1.72
CA CYS A 38 -21.79 19.08 -1.07
C CYS A 38 -23.04 19.26 -0.24
N ARG A 39 -24.02 18.39 -0.41
CA ARG A 39 -25.27 18.54 0.31
C ARG A 39 -25.34 17.61 1.50
N LYS A 40 -26.09 18.01 2.51
CA LYS A 40 -26.29 17.21 3.70
C LYS A 40 -27.77 17.27 4.05
N PHE A 41 -28.40 16.10 4.16
CA PHE A 41 -29.80 15.98 4.52
C PHE A 41 -29.89 16.26 6.02
N VAL A 42 -30.70 17.24 6.43
CA VAL A 42 -30.83 17.63 7.84
C VAL A 42 -32.32 17.58 8.22
N LYS A 43 -32.62 16.83 9.28
CA LYS A 43 -33.99 16.64 9.72
C LYS A 43 -34.63 17.90 10.24
N ILE A 44 -35.95 18.03 10.05
CA ILE A 44 -36.70 19.17 10.57
C ILE A 44 -36.84 19.00 12.08
N ASN A 45 -37.22 17.79 12.51
CA ASN A 45 -37.35 17.43 13.91
C ASN A 45 -37.21 15.90 14.09
N ASN A 46 -37.39 15.38 15.32
CA ASN A 46 -37.24 13.95 15.59
C ASN A 46 -38.56 13.19 15.65
N SER A 47 -39.64 13.85 15.26
CA SER A 47 -40.97 13.29 15.25
C SER A 47 -41.46 13.18 13.81
N THR A 48 -40.53 13.39 12.87
CA THR A 48 -40.80 13.36 11.45
C THR A 48 -39.65 12.73 10.69
N ASN A 49 -39.93 12.29 9.46
CA ASN A 49 -38.93 11.77 8.52
C ASN A 49 -38.55 12.92 7.59
N GLU A 50 -39.32 14.03 7.67
CA GLU A 50 -39.11 15.25 6.89
C GLU A 50 -37.76 15.86 7.22
N GLY A 51 -37.09 16.32 6.19
CA GLY A 51 -35.80 16.98 6.29
C GLY A 51 -35.49 17.73 5.02
N MET A 52 -34.36 18.44 5.02
CA MET A 52 -33.96 19.20 3.87
C MET A 52 -32.52 19.10 3.59
N ASN A 53 -32.19 19.13 2.31
CA ASN A 53 -30.81 19.14 1.86
C ASN A 53 -30.27 20.54 2.09
N VAL A 54 -29.25 20.64 2.91
CA VAL A 54 -28.59 21.92 3.19
C VAL A 54 -27.39 21.93 2.24
N LYS A 55 -27.22 23.03 1.54
CA LYS A 55 -26.11 23.25 0.60
C LYS A 55 -24.90 23.69 1.42
N LYS A 56 -23.82 22.87 1.40
CA LYS A 56 -22.56 23.09 2.11
C LYS A 56 -21.41 23.07 1.11
N CYS A 57 -20.18 23.33 1.58
CA CYS A 57 -19.00 23.32 0.73
C CYS A 57 -17.97 22.41 1.29
N CYS A 58 -17.39 21.59 0.41
CA CYS A 58 -16.42 20.58 0.77
C CYS A 58 -15.06 20.83 0.19
N LYS A 59 -14.02 20.58 0.97
CA LYS A 59 -12.63 20.70 0.54
C LYS A 59 -11.80 19.64 1.29
N GLY A 60 -10.52 19.53 0.96
CA GLY A 60 -9.61 18.60 1.62
C GLY A 60 -8.88 17.73 0.62
N PHE A 61 -7.98 16.88 1.13
CA PHE A 61 -7.22 15.96 0.30
C PHE A 61 -8.10 15.06 -0.62
N CYS A 62 -9.13 14.38 -0.06
CA CYS A 62 -9.99 13.50 -0.89
C CYS A 62 -10.84 14.26 -1.92
N ILE A 63 -11.14 15.54 -1.65
CA ILE A 63 -11.89 16.42 -2.55
C ILE A 63 -10.99 16.82 -3.72
N ASP A 64 -9.69 17.10 -3.46
CA ASP A 64 -8.79 17.38 -4.58
C ASP A 64 -8.62 16.15 -5.43
N ILE A 65 -8.69 14.94 -4.80
CA ILE A 65 -8.62 13.67 -5.52
C ILE A 65 -9.87 13.56 -6.41
N LEU A 66 -11.06 13.89 -5.89
CA LEU A 66 -12.33 13.83 -6.65
C LEU A 66 -12.30 14.78 -7.85
N LYS A 67 -11.80 16.01 -7.63
CA LYS A 67 -11.67 17.04 -8.68
C LYS A 67 -10.80 16.50 -9.84
N LYS A 68 -9.67 15.84 -9.51
CA LYS A 68 -8.75 15.23 -10.47
C LYS A 68 -9.42 14.10 -11.23
N LEU A 69 -10.13 13.21 -10.50
CA LEU A 69 -10.87 12.09 -11.10
C LEU A 69 -11.96 12.55 -12.05
N SER A 70 -12.80 13.49 -11.59
CA SER A 70 -13.89 14.04 -12.39
C SER A 70 -13.39 14.53 -13.76
N ARG A 71 -12.28 15.29 -13.74
CA ARG A 71 -11.61 15.88 -14.91
C ARG A 71 -10.95 14.82 -15.83
N THR A 72 -10.17 13.87 -15.26
CA THR A 72 -9.47 12.82 -16.04
C THR A 72 -10.44 11.76 -16.59
N VAL A 73 -11.30 11.21 -15.73
CA VAL A 73 -12.26 10.14 -16.04
C VAL A 73 -13.50 10.69 -16.80
N LYS A 74 -13.68 12.04 -16.79
CA LYS A 74 -14.75 12.75 -17.51
C LYS A 74 -16.17 12.42 -17.00
N PHE A 75 -16.46 12.79 -15.74
CA PHE A 75 -17.78 12.60 -15.16
C PHE A 75 -18.08 13.84 -14.34
N THR A 76 -19.36 14.15 -14.13
CA THR A 76 -19.75 15.25 -13.26
C THR A 76 -20.39 14.56 -12.07
N TYR A 77 -20.63 15.29 -10.97
CA TYR A 77 -21.15 14.63 -9.79
C TYR A 77 -22.06 15.48 -8.92
N ASP A 78 -22.89 14.79 -8.12
CA ASP A 78 -23.71 15.38 -7.08
C ASP A 78 -23.17 14.78 -5.78
N LEU A 79 -22.29 15.52 -5.10
CA LEU A 79 -21.64 15.11 -3.85
C LEU A 79 -22.54 15.31 -2.63
N TYR A 80 -22.69 14.27 -1.78
CA TYR A 80 -23.50 14.38 -0.58
C TYR A 80 -22.83 13.75 0.61
N LEU A 81 -23.19 14.24 1.81
CA LEU A 81 -22.63 13.77 3.06
C LEU A 81 -23.52 12.70 3.68
N VAL A 82 -22.93 11.54 4.05
CA VAL A 82 -23.69 10.41 4.60
C VAL A 82 -24.34 10.84 5.93
N THR A 83 -25.58 10.42 6.18
CA THR A 83 -26.27 10.76 7.44
C THR A 83 -26.67 9.51 8.20
N ASN A 84 -26.63 8.33 7.55
CA ASN A 84 -26.97 7.06 8.17
C ASN A 84 -25.66 6.40 8.56
N GLY A 85 -25.13 6.72 9.73
CA GLY A 85 -23.84 6.18 10.17
C GLY A 85 -22.64 6.91 9.59
N LYS A 86 -21.45 6.29 9.63
CA LYS A 86 -20.25 7.01 9.19
C LYS A 86 -19.49 6.33 8.05
N HIS A 87 -18.33 5.74 8.32
CA HIS A 87 -17.53 5.11 7.26
C HIS A 87 -18.20 3.86 6.80
N GLY A 88 -18.59 2.99 7.72
CA GLY A 88 -19.29 1.77 7.35
C GLY A 88 -19.21 0.69 8.40
N LYS A 89 -20.39 0.19 8.82
CA LYS A 89 -20.54 -0.91 9.79
C LYS A 89 -21.70 -1.83 9.37
N LYS A 90 -21.48 -3.16 9.51
CA LYS A 90 -22.49 -4.15 9.21
C LYS A 90 -23.31 -4.31 10.51
N VAL A 91 -24.57 -3.93 10.47
CA VAL A 91 -25.39 -4.01 11.68
C VAL A 91 -26.55 -4.94 11.36
N ASN A 92 -26.63 -6.10 12.06
CA ASN A 92 -27.67 -7.10 11.81
C ASN A 92 -27.67 -7.48 10.32
N ASN A 93 -26.45 -7.62 9.72
CA ASN A 93 -26.22 -8.00 8.32
C ASN A 93 -26.56 -6.89 7.32
N VAL A 94 -26.78 -5.65 7.79
CA VAL A 94 -27.08 -4.48 6.92
C VAL A 94 -26.01 -3.40 7.07
N TRP A 95 -25.36 -3.06 5.96
CA TRP A 95 -24.33 -2.05 5.89
C TRP A 95 -24.88 -0.64 5.96
N ASN A 96 -24.38 0.17 6.89
CA ASN A 96 -24.77 1.58 6.98
C ASN A 96 -23.53 2.37 6.52
N GLY A 97 -23.52 3.67 6.74
CA GLY A 97 -22.40 4.55 6.42
C GLY A 97 -22.13 4.69 4.94
N MET A 98 -20.91 5.11 4.58
CA MET A 98 -20.53 5.30 3.17
C MET A 98 -20.61 3.98 2.39
N ILE A 99 -20.17 2.89 3.03
CA ILE A 99 -20.25 1.56 2.44
C ILE A 99 -21.71 1.20 2.08
N GLY A 100 -22.60 1.41 3.04
CA GLY A 100 -24.02 1.13 2.87
C GLY A 100 -24.62 1.88 1.71
N GLU A 101 -24.24 3.18 1.54
CA GLU A 101 -24.77 4.05 0.46
C GLU A 101 -24.44 3.47 -0.90
N VAL A 102 -23.26 2.82 -1.01
CA VAL A 102 -22.75 2.19 -2.23
C VAL A 102 -23.43 0.81 -2.43
N VAL A 103 -23.43 -0.04 -1.37
CA VAL A 103 -24.07 -1.37 -1.36
C VAL A 103 -25.53 -1.26 -1.88
N TYR A 104 -26.30 -0.32 -1.31
CA TYR A 104 -27.71 -0.13 -1.64
C TYR A 104 -27.94 0.86 -2.79
N GLN A 105 -26.89 1.12 -3.60
CA GLN A 105 -26.94 1.88 -4.87
C GLN A 105 -27.45 3.33 -4.80
N ARG A 106 -27.32 3.99 -3.64
CA ARG A 106 -27.68 5.41 -3.54
C ARG A 106 -26.50 6.28 -4.04
N ALA A 107 -25.30 5.70 -4.07
CA ALA A 107 -24.11 6.37 -4.57
C ALA A 107 -23.38 5.42 -5.47
N VAL A 108 -22.80 5.95 -6.55
CA VAL A 108 -22.00 5.20 -7.52
C VAL A 108 -20.63 4.94 -6.82
N MET A 109 -20.16 5.94 -6.07
CA MET A 109 -18.90 5.78 -5.36
C MET A 109 -18.89 6.56 -4.05
N ALA A 110 -18.01 6.13 -3.12
CA ALA A 110 -17.77 6.81 -1.83
C ALA A 110 -16.34 7.35 -1.88
N VAL A 111 -16.18 8.66 -1.67
CA VAL A 111 -14.85 9.26 -1.66
CA VAL A 111 -14.85 9.28 -1.67
C VAL A 111 -14.58 9.86 -0.28
N GLY A 112 -13.55 9.37 0.39
CA GLY A 112 -13.23 9.88 1.71
C GLY A 112 -12.16 9.08 2.40
N SER A 113 -12.06 9.24 3.73
CA SER A 113 -11.07 8.56 4.56
C SER A 113 -11.61 7.15 4.84
N LEU A 114 -11.82 6.39 3.76
CA LEU A 114 -12.46 5.08 3.80
C LEU A 114 -11.49 3.96 3.71
N THR A 115 -11.37 3.22 4.80
CA THR A 115 -10.44 2.10 4.91
C THR A 115 -10.87 0.84 4.13
N ILE A 116 -9.95 0.36 3.33
CA ILE A 116 -10.08 -0.91 2.58
C ILE A 116 -9.92 -2.05 3.59
N ASN A 117 -10.92 -2.92 3.68
CA ASN A 117 -10.77 -4.11 4.52
C ASN A 117 -11.48 -5.27 3.85
N GLU A 118 -11.25 -6.50 4.31
CA GLU A 118 -11.82 -7.71 3.73
C GLU A 118 -13.34 -7.78 3.74
N GLU A 119 -14.00 -7.54 4.90
CA GLU A 119 -15.47 -7.64 4.92
C GLU A 119 -16.15 -6.59 4.03
N ARG A 120 -15.57 -5.36 3.92
CA ARG A 120 -16.11 -4.32 3.04
C ARG A 120 -15.94 -4.73 1.58
N SER A 121 -14.79 -5.36 1.25
CA SER A 121 -14.47 -5.86 -0.09
C SER A 121 -15.37 -6.99 -0.57
N GLU A 122 -16.09 -7.64 0.34
CA GLU A 122 -17.02 -8.70 -0.05
C GLU A 122 -18.32 -8.12 -0.59
N VAL A 123 -18.63 -6.84 -0.26
CA VAL A 123 -19.89 -6.19 -0.66
C VAL A 123 -19.68 -5.00 -1.64
N VAL A 124 -18.48 -4.41 -1.69
CA VAL A 124 -18.15 -3.31 -2.63
C VAL A 124 -16.80 -3.59 -3.28
N ASP A 125 -16.48 -2.96 -4.40
CA ASP A 125 -15.13 -3.04 -4.94
C ASP A 125 -14.40 -1.81 -4.45
N PHE A 126 -13.09 -1.92 -4.24
CA PHE A 126 -12.30 -0.76 -3.86
C PHE A 126 -11.31 -0.50 -4.94
N SER A 127 -11.07 0.79 -5.22
CA SER A 127 -10.03 1.22 -6.14
C SER A 127 -8.68 0.84 -5.50
N VAL A 128 -7.60 1.16 -6.23
CA VAL A 128 -6.25 1.02 -5.69
C VAL A 128 -6.15 1.99 -4.49
N PRO A 129 -5.32 1.69 -3.47
CA PRO A 129 -5.18 2.61 -2.33
C PRO A 129 -4.57 3.96 -2.75
N PHE A 130 -5.11 5.08 -2.26
CA PHE A 130 -4.55 6.37 -2.65
C PHE A 130 -3.76 7.05 -1.53
N VAL A 131 -3.95 6.54 -0.29
CA VAL A 131 -3.28 6.93 0.97
C VAL A 131 -3.04 5.65 1.75
N GLU A 132 -1.80 5.49 2.27
CA GLU A 132 -1.46 4.37 3.15
C GLU A 132 -2.10 4.57 4.52
N THR A 133 -2.69 3.51 5.08
CA THR A 133 -3.23 3.61 6.43
C THR A 133 -3.13 2.24 7.10
N GLY A 134 -3.87 2.06 8.17
CA GLY A 134 -3.93 0.87 8.99
C GLY A 134 -4.19 1.36 10.41
N ILE A 135 -3.59 0.70 11.41
CA ILE A 135 -3.84 1.07 12.80
C ILE A 135 -2.61 1.57 13.47
N SER A 136 -2.72 2.74 14.09
CA SER A 136 -1.63 3.31 14.88
C SER A 136 -2.11 3.58 16.29
N VAL A 137 -1.19 3.87 17.21
CA VAL A 137 -1.46 4.12 18.62
C VAL A 137 -0.89 5.47 18.98
N MET A 138 -1.74 6.39 19.41
CA MET A 138 -1.28 7.70 19.82
C MET A 138 -1.09 7.71 21.36
N VAL A 139 0.05 8.24 21.81
CA VAL A 139 0.39 8.35 23.23
C VAL A 139 1.09 9.68 23.51
N SER A 140 1.24 10.03 24.80
CA SER A 140 2.02 11.19 25.24
C SER A 140 3.46 10.74 25.02
N ARG A 141 4.32 11.62 24.49
CA ARG A 141 5.70 11.29 24.21
C ARG A 141 6.41 10.50 25.34
N GLY A 142 7.11 9.43 24.96
CA GLY A 142 7.86 8.60 25.90
C GLY A 142 7.10 7.51 26.62
N THR A 143 5.77 7.37 26.34
CA THR A 143 4.96 6.29 26.93
C THR A 143 5.55 5.00 26.41
N GLN A 144 5.82 4.06 27.33
CA GLN A 144 6.46 2.80 26.99
C GLN A 144 5.47 1.69 26.60
N VAL A 145 5.10 1.66 25.31
CA VAL A 145 4.24 0.63 24.72
C VAL A 145 4.86 0.13 23.41
N THR A 146 5.13 -1.17 23.32
CA THR A 146 5.80 -1.83 22.18
C THR A 146 4.96 -1.80 20.91
N GLY A 147 3.65 -1.95 21.07
CA GLY A 147 2.68 -2.00 19.98
C GLY A 147 1.38 -2.62 20.43
N LEU A 148 0.55 -3.08 19.47
CA LEU A 148 -0.75 -3.70 19.80
C LEU A 148 -0.60 -4.97 20.60
N SER A 149 0.54 -5.69 20.46
CA SER A 149 0.83 -6.92 21.19
C SER A 149 1.40 -6.67 22.58
N ASP A 150 1.60 -5.38 22.95
CA ASP A 150 2.09 -5.06 24.30
C ASP A 150 1.10 -5.64 25.33
N LYS A 151 1.61 -6.24 26.40
CA LYS A 151 0.79 -6.85 27.46
C LYS A 151 -0.12 -5.83 28.17
N LYS A 152 0.22 -4.54 28.08
CA LYS A 152 -0.62 -3.48 28.67
C LYS A 152 -1.99 -3.46 27.96
N PHE A 153 -1.99 -3.83 26.67
CA PHE A 153 -3.14 -3.91 25.77
C PHE A 153 -3.77 -5.29 25.79
N GLN A 154 -2.96 -6.33 25.66
CA GLN A 154 -3.40 -7.71 25.58
C GLN A 154 -4.00 -8.23 26.86
N ARG A 155 -3.35 -7.92 28.00
CA ARG A 155 -3.76 -8.37 29.33
C ARG A 155 -3.81 -7.11 30.23
N PRO A 156 -4.78 -6.19 29.98
CA PRO A 156 -4.76 -4.92 30.72
C PRO A 156 -4.91 -5.01 32.22
N HIS A 157 -5.66 -6.01 32.75
CA HIS A 157 -5.83 -6.11 34.19
C HIS A 157 -4.61 -6.74 34.90
N ASP A 158 -3.53 -7.02 34.17
CA ASP A 158 -2.30 -7.51 34.79
C ASP A 158 -1.51 -6.32 35.38
N TYR A 159 -2.06 -5.08 35.24
CA TYR A 159 -1.45 -3.83 35.68
C TYR A 159 -2.33 -3.07 36.65
N SER A 160 -1.71 -2.51 37.70
CA SER A 160 -2.40 -1.75 38.73
C SER A 160 -1.84 -0.31 38.85
N PRO A 161 -2.58 0.74 38.42
CA PRO A 161 -3.91 0.71 37.79
C PRO A 161 -3.82 0.22 36.32
N PRO A 162 -4.91 -0.32 35.74
CA PRO A 162 -4.81 -0.81 34.36
C PRO A 162 -4.66 0.33 33.35
N PHE A 163 -3.86 0.12 32.29
CA PHE A 163 -3.65 1.10 31.20
C PHE A 163 -5.01 1.50 30.60
N ARG A 164 -5.24 2.79 30.37
CA ARG A 164 -6.50 3.30 29.83
C ARG A 164 -6.35 3.61 28.35
N PHE A 165 -7.11 2.92 27.52
CA PHE A 165 -7.00 3.13 26.06
C PHE A 165 -8.31 2.82 25.36
N GLY A 166 -8.58 3.59 24.33
CA GLY A 166 -9.77 3.40 23.52
C GLY A 166 -9.64 3.76 22.05
N THR A 167 -10.72 3.57 21.33
CA THR A 167 -10.82 3.91 19.92
C THR A 167 -12.12 4.68 19.73
N VAL A 168 -12.43 5.05 18.47
CA VAL A 168 -13.71 5.62 18.11
C VAL A 168 -14.37 4.37 17.57
N PRO A 169 -15.48 3.91 18.18
CA PRO A 169 -16.07 2.65 17.74
C PRO A 169 -16.75 2.75 16.38
N ASN A 170 -17.20 1.59 15.85
CA ASN A 170 -18.01 1.40 14.66
C ASN A 170 -17.24 1.48 13.32
N GLY A 171 -15.92 1.72 13.38
CA GLY A 171 -15.08 1.79 12.19
C GLY A 171 -14.20 0.58 12.00
N SER A 172 -13.34 0.63 10.98
CA SER A 172 -12.43 -0.45 10.63
C SER A 172 -11.44 -0.81 11.75
N THR A 173 -11.09 0.15 12.62
CA THR A 173 -10.15 -0.11 13.73
C THR A 173 -10.80 -0.99 14.79
N GLU A 174 -12.00 -0.62 15.25
CA GLU A 174 -12.70 -1.42 16.23
C GLU A 174 -12.96 -2.86 15.71
N ARG A 175 -13.41 -2.96 14.44
CA ARG A 175 -13.67 -4.26 13.82
CA ARG A 175 -13.66 -4.24 13.78
C ARG A 175 -12.42 -5.14 13.87
N ASN A 176 -11.24 -4.57 13.56
CA ASN A 176 -10.00 -5.32 13.58
C ASN A 176 -9.66 -5.81 15.00
N ILE A 177 -9.80 -4.95 15.98
CA ILE A 177 -9.51 -5.28 17.36
C ILE A 177 -10.44 -6.39 17.82
N ARG A 178 -11.69 -6.27 17.52
CA ARG A 178 -12.70 -7.23 17.86
C ARG A 178 -12.38 -8.58 17.28
N ASN A 179 -11.98 -8.60 16.04
CA ASN A 179 -11.61 -9.81 15.39
C ASN A 179 -10.29 -10.39 15.88
N ASN A 180 -9.34 -9.57 16.26
CA ASN A 180 -8.03 -10.09 16.65
C ASN A 180 -7.76 -10.28 18.12
N TYR A 181 -8.26 -9.38 18.97
CA TYR A 181 -7.95 -9.43 20.39
C TYR A 181 -9.23 -9.33 21.18
N PRO A 182 -9.97 -10.46 21.37
CA PRO A 182 -11.29 -10.35 22.04
C PRO A 182 -11.25 -9.77 23.47
N TYR A 183 -10.22 -10.09 24.29
CA TYR A 183 -10.15 -9.55 25.66
C TYR A 183 -9.89 -8.04 25.65
N MET A 184 -8.91 -7.60 24.83
CA MET A 184 -8.56 -6.18 24.67
CA MET A 184 -8.56 -6.19 24.67
C MET A 184 -9.82 -5.40 24.27
N HIS A 185 -10.55 -5.92 23.28
CA HIS A 185 -11.77 -5.31 22.80
C HIS A 185 -12.82 -5.05 23.89
N GLN A 186 -13.27 -6.09 24.61
CA GLN A 186 -14.32 -5.96 25.64
C GLN A 186 -13.89 -5.02 26.79
N TYR A 187 -12.59 -4.96 27.05
CA TYR A 187 -12.03 -4.07 28.07
C TYR A 187 -12.11 -2.61 27.61
N MET A 188 -11.69 -2.33 26.36
CA MET A 188 -11.62 -1.00 25.73
C MET A 188 -12.92 -0.25 25.63
N THR A 189 -14.05 -0.97 25.58
CA THR A 189 -15.33 -0.33 25.22
C THR A 189 -15.72 0.75 26.23
N LYS A 190 -15.37 0.60 27.52
CA LYS A 190 -15.62 1.65 28.51
C LYS A 190 -14.83 2.92 28.17
N PHE A 191 -13.78 2.79 27.32
CA PHE A 191 -12.97 3.94 26.92
C PHE A 191 -13.30 4.44 25.51
N ASN A 192 -14.43 3.98 24.92
CA ASN A 192 -14.93 4.47 23.62
C ASN A 192 -14.98 5.97 23.60
N GLN A 193 -14.41 6.56 22.53
CA GLN A 193 -14.36 8.01 22.33
C GLN A 193 -15.34 8.36 21.23
N LYS A 194 -16.13 9.44 21.43
CA LYS A 194 -17.13 9.87 20.48
C LYS A 194 -16.53 10.27 19.13
N GLY A 195 -15.31 10.76 19.17
CA GLY A 195 -14.58 11.16 17.99
C GLY A 195 -13.14 11.46 18.32
N VAL A 196 -12.33 11.75 17.26
CA VAL A 196 -10.90 12.08 17.35
C VAL A 196 -10.64 13.25 18.32
N GLU A 197 -11.42 14.34 18.20
CA GLU A 197 -11.24 15.54 19.04
C GLU A 197 -11.39 15.23 20.53
N ASP A 198 -12.43 14.45 20.89
CA ASP A 198 -12.65 14.05 22.28
C ASP A 198 -11.47 13.22 22.76
N ALA A 199 -10.99 12.29 21.91
CA ALA A 199 -9.84 11.43 22.27
C ALA A 199 -8.57 12.23 22.51
N LEU A 200 -8.25 13.20 21.65
CA LEU A 200 -7.05 14.05 21.80
C LEU A 200 -7.08 14.86 23.10
N VAL A 201 -8.27 15.41 23.47
CA VAL A 201 -8.48 16.16 24.72
C VAL A 201 -8.28 15.21 25.91
N SER A 202 -8.87 13.97 25.85
CA SER A 202 -8.73 12.96 26.90
CA SER A 202 -8.73 12.98 26.90
C SER A 202 -7.24 12.60 27.09
N LEU A 203 -6.49 12.43 25.99
CA LEU A 203 -5.06 12.10 26.08
C LEU A 203 -4.28 13.27 26.70
N LYS A 204 -4.44 14.48 26.13
CA LYS A 204 -3.77 15.71 26.54
C LYS A 204 -4.04 16.11 28.01
N THR A 205 -5.16 15.65 28.61
CA THR A 205 -5.52 15.99 29.99
C THR A 205 -5.38 14.80 30.96
N GLY A 206 -4.76 13.71 30.52
CA GLY A 206 -4.50 12.53 31.33
C GLY A 206 -5.65 11.62 31.65
N LYS A 207 -6.74 11.70 30.88
CA LYS A 207 -7.93 10.84 31.08
C LYS A 207 -7.84 9.54 30.29
N LEU A 208 -6.86 9.47 29.37
CA LEU A 208 -6.59 8.32 28.52
C LEU A 208 -5.07 8.17 28.39
N ASP A 209 -4.57 6.93 28.39
CA ASP A 209 -3.14 6.63 28.21
C ASP A 209 -2.76 6.44 26.73
N ALA A 210 -3.65 5.81 25.95
CA ALA A 210 -3.41 5.57 24.53
C ALA A 210 -4.70 5.70 23.72
N PHE A 211 -4.58 6.14 22.49
CA PHE A 211 -5.71 6.23 21.57
C PHE A 211 -5.34 5.40 20.34
N ILE A 212 -6.12 4.36 20.06
CA ILE A 212 -5.90 3.46 18.91
C ILE A 212 -6.83 3.86 17.80
N TYR A 213 -6.28 4.20 16.63
CA TYR A 213 -7.12 4.67 15.54
C TYR A 213 -6.37 4.64 14.21
N ASP A 214 -7.08 5.01 13.14
CA ASP A 214 -6.60 5.12 11.76
C ASP A 214 -5.22 5.77 11.69
N ALA A 215 -4.23 5.09 11.08
CA ALA A 215 -2.86 5.61 10.99
C ALA A 215 -2.73 6.93 10.25
N ALA A 216 -3.42 7.10 9.09
CA ALA A 216 -3.35 8.36 8.33
C ALA A 216 -3.82 9.56 9.16
N VAL A 217 -4.94 9.43 9.89
CA VAL A 217 -5.45 10.55 10.71
C VAL A 217 -4.50 10.81 11.91
N LEU A 218 -4.04 9.77 12.58
CA LEU A 218 -3.14 9.91 13.73
C LEU A 218 -1.79 10.56 13.37
N ASN A 219 -1.24 10.22 12.20
CA ASN A 219 0.02 10.81 11.72
C ASN A 219 -0.19 12.29 11.48
N TYR A 220 -1.36 12.66 10.90
CA TYR A 220 -1.71 14.06 10.70
C TYR A 220 -1.83 14.78 12.05
N LYS A 221 -2.61 14.20 12.98
CA LYS A 221 -2.80 14.81 14.30
C LYS A 221 -1.48 15.04 15.08
N ALA A 222 -0.56 14.07 15.04
CA ALA A 222 0.75 14.14 15.69
C ALA A 222 1.60 15.29 15.10
N GLY A 223 1.62 15.42 13.78
CA GLY A 223 2.35 16.47 13.07
C GLY A 223 1.88 17.89 13.35
N ARG A 224 0.62 18.04 13.81
CA ARG A 224 -0.01 19.34 14.10
C ARG A 224 -0.24 19.60 15.60
N ASP A 225 0.10 18.62 16.48
CA ASP A 225 -0.10 18.73 17.92
C ASP A 225 0.68 19.88 18.53
N GLU A 226 0.00 20.75 19.30
CA GLU A 226 0.62 21.92 19.94
C GLU A 226 1.60 21.47 21.03
N GLY A 227 2.87 21.76 20.80
CA GLY A 227 3.96 21.38 21.68
C GLY A 227 4.55 20.02 21.35
N CYS A 228 4.05 19.39 20.25
CA CYS A 228 4.48 18.06 19.77
C CYS A 228 4.53 16.99 20.90
N LYS A 229 3.54 17.02 21.81
CA LYS A 229 3.41 16.11 22.95
C LYS A 229 2.84 14.75 22.54
N LEU A 230 1.79 14.74 21.72
CA LEU A 230 1.12 13.52 21.28
C LEU A 230 1.81 12.93 20.08
N VAL A 231 2.23 11.67 20.20
CA VAL A 231 2.97 10.97 19.16
C VAL A 231 2.36 9.62 18.88
N THR A 232 2.76 9.01 17.75
CA THR A 232 2.36 7.63 17.45
C THR A 232 3.55 6.74 17.85
N ILE A 233 3.26 5.56 18.42
CA ILE A 233 4.29 4.62 18.86
C ILE A 233 5.07 4.08 17.67
N GLY A 234 6.35 3.78 17.91
CA GLY A 234 7.27 3.33 16.87
C GLY A 234 7.66 4.51 15.99
N SER A 235 8.24 4.23 14.82
CA SER A 235 8.60 5.33 13.91
C SER A 235 7.33 5.62 13.08
N GLY A 236 6.24 5.96 13.80
CA GLY A 236 4.91 6.12 13.22
C GLY A 236 4.43 4.77 12.72
N TYR A 237 4.60 3.73 13.57
CA TYR A 237 4.28 2.34 13.24
C TYR A 237 2.82 2.07 12.88
N ILE A 238 2.58 1.20 11.88
CA ILE A 238 1.25 0.82 11.39
C ILE A 238 0.97 -0.70 11.49
N PHE A 239 -0.05 -1.11 12.27
CA PHE A 239 -0.48 -2.51 12.32
C PHE A 239 -1.55 -2.65 11.21
N ALA A 240 -1.68 -3.88 10.65
CA ALA A 240 -2.65 -4.25 9.61
C ALA A 240 -2.71 -3.16 8.53
N THR A 241 -1.54 -2.94 7.87
CA THR A 241 -1.41 -1.90 6.85
CA THR A 241 -1.39 -1.93 6.82
C THR A 241 -2.43 -2.13 5.74
N THR A 242 -3.04 -1.05 5.33
CA THR A 242 -4.05 -0.99 4.32
C THR A 242 -3.96 0.39 3.70
N GLY A 243 -5.04 0.84 3.13
CA GLY A 243 -5.09 2.16 2.52
C GLY A 243 -6.48 2.69 2.44
N TYR A 244 -6.61 3.99 2.12
CA TYR A 244 -7.95 4.51 1.83
C TYR A 244 -8.16 4.14 0.38
N GLY A 245 -9.38 3.77 0.05
CA GLY A 245 -9.78 3.46 -1.32
C GLY A 245 -11.14 4.03 -1.65
N ILE A 246 -11.40 4.25 -2.94
CA ILE A 246 -12.70 4.70 -3.41
C ILE A 246 -13.55 3.42 -3.47
N ALA A 247 -14.71 3.41 -2.76
CA ALA A 247 -15.64 2.28 -2.82
C ALA A 247 -16.53 2.47 -4.01
N LEU A 248 -16.72 1.40 -4.79
CA LEU A 248 -17.57 1.37 -5.98
C LEU A 248 -18.50 0.19 -5.88
N GLN A 249 -19.61 0.18 -6.66
CA GLN A 249 -20.51 -0.98 -6.66
C GLN A 249 -19.79 -2.17 -7.32
N LYS A 250 -20.13 -3.41 -6.92
CA LYS A 250 -19.58 -4.65 -7.50
C LYS A 250 -19.86 -4.64 -8.98
N GLY A 251 -18.82 -4.90 -9.77
CA GLY A 251 -18.87 -4.85 -11.23
C GLY A 251 -19.05 -3.47 -11.83
N SER A 252 -18.53 -2.43 -11.15
CA SER A 252 -18.66 -1.04 -11.59
C SER A 252 -17.96 -0.75 -12.92
N PRO A 253 -18.65 -0.03 -13.83
CA PRO A 253 -18.01 0.31 -15.12
C PRO A 253 -16.94 1.40 -14.98
N TRP A 254 -16.91 2.10 -13.81
CA TRP A 254 -16.01 3.21 -13.56
C TRP A 254 -14.67 2.82 -12.99
N LYS A 255 -14.58 1.65 -12.34
CA LYS A 255 -13.40 1.17 -11.63
C LYS A 255 -12.13 1.20 -12.43
N ARG A 256 -12.17 0.66 -13.67
CA ARG A 256 -11.00 0.58 -14.54
C ARG A 256 -10.31 1.93 -14.71
N GLN A 257 -11.07 2.96 -15.16
CA GLN A 257 -10.54 4.30 -15.41
C GLN A 257 -10.10 4.99 -14.13
N ILE A 258 -10.79 4.73 -13.00
CA ILE A 258 -10.45 5.35 -11.70
C ILE A 258 -9.08 4.84 -11.21
N ASP A 259 -8.87 3.52 -11.31
CA ASP A 259 -7.61 2.86 -10.95
C ASP A 259 -6.47 3.39 -11.77
N LEU A 260 -6.66 3.49 -13.09
CA LEU A 260 -5.61 4.00 -13.98
C LEU A 260 -5.29 5.45 -13.72
N ALA A 261 -6.35 6.30 -13.50
CA ALA A 261 -6.15 7.72 -13.18
C ALA A 261 -5.42 7.86 -11.84
N LEU A 262 -5.84 7.12 -10.80
CA LEU A 262 -5.15 7.21 -9.49
C LEU A 262 -3.67 6.85 -9.63
N LEU A 263 -3.36 5.74 -10.34
CA LEU A 263 -1.97 5.31 -10.58
C LEU A 263 -1.16 6.32 -11.40
N GLN A 264 -1.86 7.03 -12.32
CA GLN A 264 -1.29 8.13 -13.11
C GLN A 264 -0.91 9.26 -12.19
N PHE A 265 -1.84 9.69 -11.28
CA PHE A 265 -1.56 10.73 -10.29
C PHE A 265 -0.39 10.36 -9.35
N VAL A 266 -0.29 9.05 -8.99
CA VAL A 266 0.81 8.56 -8.13
C VAL A 266 2.14 8.74 -8.88
N GLY A 267 2.23 8.17 -10.07
CA GLY A 267 3.44 8.23 -10.88
C GLY A 267 3.91 9.60 -11.30
N ASP A 268 2.97 10.57 -11.48
CA ASP A 268 3.18 11.97 -11.91
C ASP A 268 3.72 12.90 -10.84
N GLY A 269 3.53 12.55 -9.58
CA GLY A 269 3.90 13.39 -8.45
C GLY A 269 2.74 14.20 -7.93
N GLU A 270 1.58 14.13 -8.63
CA GLU A 270 0.33 14.81 -8.29
C GLU A 270 -0.18 14.41 -6.90
N MET A 271 0.00 13.11 -6.54
CA MET A 271 -0.38 12.59 -5.24
C MET A 271 0.49 13.16 -4.15
N GLU A 272 1.82 13.23 -4.40
CA GLU A 272 2.81 13.81 -3.48
C GLU A 272 2.55 15.30 -3.23
N GLU A 273 2.08 16.01 -4.25
CA GLU A 273 1.74 17.43 -4.16
C GLU A 273 0.57 17.63 -3.18
N LEU A 274 -0.47 16.77 -3.27
CA LEU A 274 -1.65 16.83 -2.38
C LEU A 274 -1.28 16.58 -0.92
N GLU A 275 -0.34 15.65 -0.69
CA GLU A 275 0.17 15.32 0.61
C GLU A 275 0.87 16.53 1.22
N THR A 276 1.72 17.24 0.43
CA THR A 276 2.44 18.45 0.86
C THR A 276 1.41 19.56 1.16
N LEU A 277 0.38 19.65 0.33
CA LEU A 277 -0.68 20.62 0.47
C LEU A 277 -1.56 20.43 1.73
N TRP A 278 -1.98 19.17 1.98
CA TRP A 278 -2.93 18.83 3.03
C TRP A 278 -2.45 18.07 4.26
N LEU A 279 -1.39 17.25 4.17
CA LEU A 279 -1.01 16.31 5.24
C LEU A 279 0.30 16.57 6.02
N THR A 280 1.18 17.46 5.55
CA THR A 280 2.41 17.73 6.29
C THR A 280 2.14 18.59 7.52
N GLY A 281 2.93 18.34 8.56
CA GLY A 281 2.86 19.06 9.83
C GLY A 281 4.23 19.52 10.30
N ILE A 282 4.25 20.27 11.41
CA ILE A 282 5.48 20.80 12.04
C ILE A 282 6.24 19.72 12.85
N CYS A 283 5.53 18.74 13.44
CA CYS A 283 6.19 17.69 14.24
C CYS A 283 6.63 16.51 13.39
N THR B 5 -6.96 -25.40 -13.36
CA THR B 5 -6.44 -26.58 -12.71
C THR B 5 -5.20 -26.22 -11.88
N ARG B 6 -4.03 -26.52 -12.42
CA ARG B 6 -2.76 -26.33 -11.74
C ARG B 6 -2.07 -25.08 -12.27
N LEU B 7 -2.03 -24.04 -11.45
CA LEU B 7 -1.48 -22.77 -11.84
C LEU B 7 0.03 -22.79 -12.06
N LYS B 8 0.43 -22.19 -13.17
CA LYS B 8 1.81 -21.94 -13.44
C LYS B 8 2.21 -20.61 -12.80
N ILE B 9 3.10 -20.67 -11.84
CA ILE B 9 3.54 -19.47 -11.13
C ILE B 9 4.86 -19.03 -11.69
N VAL B 10 4.99 -17.74 -11.99
CA VAL B 10 6.29 -17.20 -12.41
C VAL B 10 6.80 -16.33 -11.28
N THR B 11 8.11 -16.37 -11.05
CA THR B 11 8.75 -15.58 -10.03
C THR B 11 10.10 -15.14 -10.54
N ILE B 12 10.86 -14.46 -9.68
CA ILE B 12 12.17 -13.94 -10.05
C ILE B 12 13.03 -14.03 -8.81
N HIS B 13 14.31 -14.17 -8.99
CA HIS B 13 15.24 -14.13 -7.90
C HIS B 13 15.35 -12.72 -7.35
N GLN B 14 15.10 -12.55 -6.07
CA GLN B 14 15.09 -11.24 -5.48
C GLN B 14 15.03 -11.29 -3.96
N GLU B 15 16.19 -11.31 -3.35
CA GLU B 15 16.27 -11.40 -1.92
C GLU B 15 15.79 -10.10 -1.27
N PRO B 16 15.02 -10.10 -0.10
CA PRO B 16 14.71 -11.42 0.47
C PRO B 16 13.31 -11.98 0.19
N PHE B 17 12.72 -11.56 -0.91
CA PHE B 17 11.41 -12.03 -1.26
C PHE B 17 11.45 -13.42 -1.87
N VAL B 18 12.48 -13.67 -2.65
CA VAL B 18 12.70 -14.94 -3.30
C VAL B 18 14.20 -15.23 -3.33
N TYR B 19 14.57 -16.26 -2.62
CA TYR B 19 15.92 -16.82 -2.60
C TYR B 19 15.91 -17.94 -3.62
N VAL B 20 17.03 -18.12 -4.30
CA VAL B 20 17.17 -19.18 -5.31
C VAL B 20 18.50 -19.87 -5.06
N LYS B 21 18.43 -21.18 -4.78
CA LYS B 21 19.59 -22.01 -4.53
C LYS B 21 19.56 -23.30 -5.39
N PRO B 22 20.71 -23.93 -5.68
CA PRO B 22 20.66 -25.20 -6.42
C PRO B 22 20.06 -26.29 -5.54
N THR B 23 19.45 -27.31 -6.15
CA THR B 23 18.91 -28.47 -5.38
C THR B 23 20.13 -29.26 -4.87
N LEU B 24 19.90 -30.26 -4.01
CA LEU B 24 20.93 -31.19 -3.56
C LEU B 24 21.08 -32.21 -4.71
N SER B 25 22.13 -33.07 -4.68
CA SER B 25 22.38 -34.14 -5.68
C SER B 25 21.12 -34.94 -6.02
N ASP B 26 20.28 -35.26 -5.02
CA ASP B 26 19.06 -36.06 -5.19
C ASP B 26 17.84 -35.25 -5.69
N GLY B 27 18.08 -34.00 -6.09
CA GLY B 27 17.00 -33.14 -6.59
C GLY B 27 16.10 -32.55 -5.51
N THR B 28 16.41 -32.75 -4.21
CA THR B 28 15.62 -32.16 -3.12
C THR B 28 16.27 -30.85 -2.68
N CYS B 29 15.60 -30.12 -1.77
CA CYS B 29 16.09 -28.85 -1.22
C CYS B 29 16.64 -29.07 0.21
N LYS B 30 17.80 -28.46 0.52
CA LYS B 30 18.44 -28.55 1.84
C LYS B 30 17.47 -28.12 2.94
N GLU B 31 17.39 -28.93 4.01
CA GLU B 31 16.54 -28.67 5.15
C GLU B 31 17.13 -27.54 5.99
N GLU B 32 16.41 -26.43 6.08
CA GLU B 32 16.82 -25.26 6.85
C GLU B 32 15.74 -24.83 7.80
N PHE B 33 16.14 -24.02 8.79
CA PHE B 33 15.27 -23.57 9.84
C PHE B 33 15.60 -22.13 10.13
N THR B 34 14.58 -21.35 10.52
CA THR B 34 14.79 -19.98 10.98
C THR B 34 15.43 -20.07 12.38
N VAL B 35 15.96 -18.94 12.89
CA VAL B 35 16.53 -18.89 14.23
C VAL B 35 15.40 -19.21 15.26
N ASN B 36 14.13 -18.91 14.84
CA ASN B 36 12.85 -19.16 15.52
C ASN B 36 12.51 -20.68 15.63
N GLY B 37 13.43 -21.54 15.15
CA GLY B 37 13.30 -23.00 15.16
C GLY B 37 12.32 -23.58 14.15
N ASP B 38 11.62 -22.71 13.40
CA ASP B 38 10.62 -23.13 12.41
C ASP B 38 11.21 -23.60 11.10
N PRO B 39 10.62 -24.65 10.47
CA PRO B 39 11.17 -25.11 9.17
C PRO B 39 11.00 -24.07 8.06
N VAL B 40 12.01 -23.94 7.19
CA VAL B 40 11.95 -23.03 6.05
C VAL B 40 11.20 -23.77 4.95
N LYS B 41 10.06 -23.23 4.51
CA LYS B 41 9.28 -23.89 3.45
C LYS B 41 9.95 -23.59 2.11
N LYS B 42 10.28 -24.64 1.35
CA LYS B 42 10.93 -24.48 0.06
C LYS B 42 10.12 -25.14 -1.02
N VAL B 43 10.17 -24.60 -2.25
CA VAL B 43 9.50 -25.18 -3.40
C VAL B 43 10.50 -25.41 -4.50
N ILE B 44 10.23 -26.43 -5.35
CA ILE B 44 11.07 -26.68 -6.51
C ILE B 44 10.64 -25.61 -7.50
N CYS B 45 11.60 -24.85 -8.04
CA CYS B 45 11.33 -23.84 -9.05
C CYS B 45 12.30 -24.03 -10.21
N THR B 46 11.75 -24.40 -11.36
CA THR B 46 12.58 -24.60 -12.54
C THR B 46 12.97 -23.27 -13.17
N GLY B 47 14.13 -23.21 -13.78
CA GLY B 47 14.60 -22.00 -14.43
C GLY B 47 15.98 -22.16 -15.03
N PRO B 48 16.37 -21.19 -15.86
CA PRO B 48 17.71 -21.27 -16.46
C PRO B 48 18.79 -20.89 -15.46
N ASN B 49 20.01 -21.35 -15.73
CA ASN B 49 21.20 -21.06 -14.94
C ASN B 49 22.08 -20.05 -15.68
N ASP B 50 22.53 -20.40 -16.91
CA ASP B 50 23.37 -19.50 -17.74
C ASP B 50 22.57 -18.24 -18.09
N THR B 51 22.80 -17.16 -17.31
CA THR B 51 22.12 -15.88 -17.45
C THR B 51 22.71 -14.98 -18.55
N SER B 52 23.72 -15.46 -19.30
CA SER B 52 24.40 -14.72 -20.38
C SER B 52 23.39 -14.15 -21.44
N PRO B 53 23.35 -12.82 -21.69
CA PRO B 53 22.37 -12.29 -22.65
C PRO B 53 22.65 -12.74 -24.09
N GLY B 54 21.59 -13.13 -24.80
CA GLY B 54 21.67 -13.66 -26.15
C GLY B 54 22.17 -15.10 -26.22
N SER B 55 22.17 -15.82 -25.07
CA SER B 55 22.65 -17.20 -25.02
C SER B 55 21.51 -18.21 -24.81
N PRO B 56 21.67 -19.50 -25.21
CA PRO B 56 20.62 -20.49 -24.95
C PRO B 56 20.35 -20.63 -23.45
N ARG B 57 19.11 -20.90 -23.08
CA ARG B 57 18.76 -21.06 -21.68
C ARG B 57 18.39 -22.50 -21.38
N HIS B 58 19.23 -23.17 -20.54
CA HIS B 58 18.99 -24.54 -20.13
CA HIS B 58 19.05 -24.56 -20.11
C HIS B 58 18.35 -24.59 -18.75
N THR B 59 17.08 -24.96 -18.74
CA THR B 59 16.19 -25.05 -17.59
C THR B 59 16.53 -26.28 -16.73
N VAL B 60 16.76 -26.04 -15.42
CA VAL B 60 17.05 -27.04 -14.38
C VAL B 60 16.18 -26.81 -13.13
N PRO B 61 15.79 -27.87 -12.38
CA PRO B 61 15.07 -27.63 -11.12
C PRO B 61 15.98 -26.92 -10.13
N GLN B 62 15.46 -25.90 -9.42
CA GLN B 62 16.20 -25.15 -8.40
C GLN B 62 15.32 -25.04 -7.16
N CYS B 63 15.84 -24.51 -6.05
CA CYS B 63 15.10 -24.34 -4.79
C CYS B 63 14.72 -22.90 -4.57
N CYS B 64 13.42 -22.68 -4.29
CA CYS B 64 12.87 -21.33 -4.07
C CYS B 64 12.26 -21.20 -2.68
N TYR B 65 12.54 -20.09 -1.99
CA TYR B 65 12.00 -19.78 -0.66
C TYR B 65 12.05 -18.27 -0.40
N GLY B 66 11.31 -17.80 0.60
CA GLY B 66 11.31 -16.39 0.97
C GLY B 66 9.95 -15.81 1.24
N PHE B 67 9.89 -14.50 1.44
CA PHE B 67 8.62 -13.82 1.72
C PHE B 67 7.54 -14.22 0.70
N CYS B 68 7.85 -14.08 -0.61
CA CYS B 68 6.89 -14.39 -1.69
C CYS B 68 6.51 -15.89 -1.82
N ILE B 69 7.44 -16.80 -1.47
CA ILE B 69 7.16 -18.24 -1.51
C ILE B 69 6.21 -18.63 -0.36
N ASP B 70 6.47 -18.09 0.85
CA ASP B 70 5.54 -18.30 1.98
C ASP B 70 4.21 -17.70 1.63
N LEU B 71 4.19 -16.53 0.96
CA LEU B 71 2.91 -15.91 0.53
C LEU B 71 2.15 -16.81 -0.47
N LEU B 72 2.88 -17.40 -1.45
CA LEU B 72 2.27 -18.32 -2.43
C LEU B 72 1.61 -19.54 -1.72
N ILE B 73 2.34 -20.14 -0.76
CA ILE B 73 1.86 -21.30 0.00
C ILE B 73 0.55 -20.96 0.73
N LYS B 74 0.49 -19.80 1.39
CA LYS B 74 -0.71 -19.35 2.09
C LYS B 74 -1.88 -19.19 1.10
N LEU B 75 -1.63 -18.52 -0.05
CA LEU B 75 -2.65 -18.32 -1.09
C LEU B 75 -3.17 -19.65 -1.60
N ALA B 76 -2.25 -20.61 -1.90
CA ALA B 76 -2.61 -21.93 -2.39
C ALA B 76 -3.43 -22.74 -1.38
N ARG B 77 -3.10 -22.67 -0.06
CA ARG B 77 -3.84 -23.38 0.98
C ARG B 77 -5.25 -22.79 1.20
N THR B 78 -5.37 -21.46 1.22
CA THR B 78 -6.60 -20.70 1.41
C THR B 78 -7.60 -20.87 0.25
N MET B 79 -7.12 -20.76 -1.00
CA MET B 79 -7.95 -20.85 -2.19
C MET B 79 -8.05 -22.23 -2.79
N ASN B 80 -7.31 -23.19 -2.23
CA ASN B 80 -7.28 -24.58 -2.63
C ASN B 80 -6.90 -24.80 -4.10
N PHE B 81 -5.72 -24.28 -4.51
CA PHE B 81 -5.18 -24.52 -5.84
C PHE B 81 -3.81 -25.16 -5.73
N THR B 82 -3.44 -25.98 -6.73
CA THR B 82 -2.10 -26.60 -6.83
C THR B 82 -1.32 -25.75 -7.82
N TYR B 83 0.00 -25.87 -7.82
CA TYR B 83 0.80 -25.00 -8.66
C TYR B 83 2.15 -25.60 -8.98
N GLU B 84 2.84 -24.98 -9.94
CA GLU B 84 4.24 -25.27 -10.28
C GLU B 84 4.96 -23.94 -10.49
N VAL B 85 6.11 -23.79 -9.86
CA VAL B 85 6.84 -22.52 -9.92
C VAL B 85 7.99 -22.60 -10.89
N HIS B 86 8.14 -21.54 -11.68
CA HIS B 86 9.28 -21.42 -12.57
C HIS B 86 9.82 -20.02 -12.45
N LEU B 87 11.10 -19.85 -12.72
CA LEU B 87 11.73 -18.53 -12.71
C LEU B 87 11.60 -17.94 -14.11
N VAL B 88 11.34 -16.63 -14.18
CA VAL B 88 11.17 -15.90 -15.44
C VAL B 88 12.37 -16.17 -16.39
N ALA B 89 12.07 -16.68 -17.61
CA ALA B 89 13.10 -17.07 -18.58
C ALA B 89 14.13 -15.98 -18.90
N ASP B 90 13.74 -14.69 -19.05
CA ASP B 90 14.69 -13.62 -19.39
C ASP B 90 15.28 -12.89 -18.18
N GLY B 91 14.89 -13.32 -16.97
CA GLY B 91 15.35 -12.75 -15.71
C GLY B 91 14.86 -11.35 -15.40
N LYS B 92 13.83 -10.89 -16.12
CA LYS B 92 13.32 -9.51 -15.95
C LYS B 92 11.95 -9.40 -15.31
N PHE B 93 11.68 -8.23 -14.67
CA PHE B 93 10.34 -7.97 -14.10
C PHE B 93 9.36 -7.68 -15.21
N GLY B 94 9.71 -6.77 -16.13
CA GLY B 94 8.83 -6.52 -17.25
C GLY B 94 8.47 -5.10 -17.58
N THR B 95 8.76 -4.72 -18.85
CA THR B 95 8.44 -3.42 -19.46
C THR B 95 7.85 -3.64 -20.85
N GLN B 96 7.16 -2.62 -21.38
CA GLN B 96 6.61 -2.59 -22.73
C GLN B 96 7.62 -1.83 -23.58
N GLU B 97 8.26 -2.56 -24.53
CA GLU B 97 9.22 -1.94 -25.42
CA GLU B 97 9.27 -2.01 -25.44
C GLU B 97 8.70 -1.91 -26.85
N ARG B 98 9.11 -0.88 -27.61
CA ARG B 98 8.69 -0.75 -29.01
C ARG B 98 9.51 -1.78 -29.81
N VAL B 99 8.84 -2.53 -30.70
CA VAL B 99 9.52 -3.54 -31.53
C VAL B 99 10.19 -2.84 -32.72
N ASN B 103 6.21 -1.28 -35.58
CA ASN B 103 4.99 -0.55 -35.20
C ASN B 103 4.35 -1.10 -33.91
N LYS B 104 4.67 -2.34 -33.57
CA LYS B 104 4.13 -2.99 -32.41
C LYS B 104 4.93 -2.74 -31.12
N LYS B 105 4.30 -3.07 -29.99
CA LYS B 105 4.87 -2.96 -28.65
C LYS B 105 4.72 -4.30 -27.96
N GLU B 106 5.75 -4.69 -27.19
CA GLU B 106 5.69 -5.99 -26.50
C GLU B 106 6.19 -5.91 -25.07
N TRP B 107 5.57 -6.69 -24.20
CA TRP B 107 5.99 -6.84 -22.80
C TRP B 107 7.07 -7.94 -22.69
N ASN B 108 8.08 -7.68 -21.91
CA ASN B 108 9.12 -8.67 -21.64
C ASN B 108 8.94 -9.12 -20.18
N GLY B 109 9.91 -9.88 -19.67
CA GLY B 109 9.91 -10.38 -18.29
C GLY B 109 8.66 -11.11 -17.88
N MET B 110 8.33 -11.04 -16.57
CA MET B 110 7.19 -11.73 -15.97
C MET B 110 5.88 -11.26 -16.56
N MET B 111 5.82 -9.96 -16.91
CA MET B 111 4.67 -9.32 -17.58
C MET B 111 4.38 -10.06 -18.89
N GLY B 112 5.40 -10.18 -19.74
CA GLY B 112 5.30 -10.88 -21.03
C GLY B 112 4.84 -12.32 -20.83
N GLU B 113 5.47 -13.06 -19.87
CA GLU B 113 5.09 -14.45 -19.59
C GLU B 113 3.65 -14.61 -19.14
N LEU B 114 3.16 -13.65 -18.31
CA LEU B 114 1.77 -13.69 -17.84
C LEU B 114 0.80 -13.46 -19.00
N LEU B 115 1.09 -12.48 -19.83
CA LEU B 115 0.22 -12.13 -20.95
C LEU B 115 0.16 -13.21 -22.04
N SER B 116 1.27 -13.97 -22.23
CA SER B 116 1.38 -15.02 -23.25
C SER B 116 0.85 -16.36 -22.79
N GLY B 117 0.51 -16.46 -21.50
CA GLY B 117 0.02 -17.70 -20.93
C GLY B 117 1.12 -18.63 -20.43
N GLN B 118 2.42 -18.22 -20.50
CA GLN B 118 3.54 -19.04 -19.98
C GLN B 118 3.43 -19.12 -18.44
N ALA B 119 2.67 -18.18 -17.85
CA ALA B 119 2.39 -18.12 -16.42
C ALA B 119 0.94 -17.71 -16.27
N ASP B 120 0.32 -18.18 -15.19
CA ASP B 120 -1.05 -17.84 -14.81
C ASP B 120 -1.05 -16.82 -13.69
N MET B 121 0.08 -16.71 -12.96
CA MET B 121 0.18 -15.80 -11.83
C MET B 121 1.62 -15.38 -11.60
N ILE B 122 1.82 -14.09 -11.30
CA ILE B 122 3.12 -13.54 -10.93
C ILE B 122 3.11 -13.43 -9.40
N VAL B 123 4.07 -14.08 -8.74
CA VAL B 123 4.19 -14.02 -7.28
C VAL B 123 5.62 -13.59 -7.05
N ALA B 124 5.83 -12.28 -6.93
CA ALA B 124 7.16 -11.69 -6.83
C ALA B 124 7.07 -10.27 -6.27
N PRO B 125 8.19 -9.60 -5.94
CA PRO B 125 8.12 -8.17 -5.55
C PRO B 125 7.85 -7.33 -6.83
N LEU B 126 6.64 -7.47 -7.38
CA LEU B 126 6.20 -6.82 -8.63
C LEU B 126 5.46 -5.50 -8.33
N THR B 127 6.07 -4.38 -8.73
CA THR B 127 5.55 -3.04 -8.51
C THR B 127 4.30 -2.79 -9.30
N ILE B 128 3.30 -2.22 -8.61
CA ILE B 128 2.03 -1.82 -9.19
C ILE B 128 2.24 -0.44 -9.81
N ASN B 129 2.02 -0.29 -11.10
CA ASN B 129 2.10 1.01 -11.76
C ASN B 129 1.03 1.08 -12.84
N ASN B 130 0.77 2.28 -13.36
CA ASN B 130 -0.26 2.50 -14.40
C ASN B 130 0.00 1.67 -15.68
N GLU B 131 1.26 1.68 -16.15
CA GLU B 131 1.70 0.98 -17.37
C GLU B 131 1.29 -0.47 -17.38
N ARG B 132 1.55 -1.19 -16.27
CA ARG B 132 1.23 -2.63 -16.18
C ARG B 132 -0.23 -2.89 -15.93
N ALA B 133 -0.88 -2.07 -15.06
CA ALA B 133 -2.31 -2.18 -14.71
C ALA B 133 -3.22 -2.03 -15.94
N GLN B 134 -2.72 -1.37 -17.01
CA GLN B 134 -3.46 -1.25 -18.28
C GLN B 134 -3.66 -2.62 -18.92
N TYR B 135 -2.71 -3.57 -18.70
CA TYR B 135 -2.74 -4.90 -19.32
C TYR B 135 -3.04 -6.07 -18.40
N ILE B 136 -2.72 -5.94 -17.08
CA ILE B 136 -2.96 -7.02 -16.12
C ILE B 136 -3.76 -6.56 -14.91
N GLU B 137 -4.20 -7.53 -14.11
CA GLU B 137 -4.88 -7.34 -12.85
C GLU B 137 -3.83 -7.48 -11.73
N PHE B 138 -3.70 -6.42 -10.92
CA PHE B 138 -2.88 -6.44 -9.71
C PHE B 138 -3.81 -6.66 -8.55
N SER B 139 -3.37 -7.42 -7.58
CA SER B 139 -4.17 -7.60 -6.36
C SER B 139 -3.98 -6.34 -5.53
N LYS B 140 -4.67 -6.22 -4.40
CA LYS B 140 -4.42 -5.18 -3.42
C LYS B 140 -2.96 -5.44 -2.95
N PRO B 141 -2.21 -4.40 -2.50
CA PRO B 141 -0.78 -4.61 -2.22
C PRO B 141 -0.47 -5.54 -1.06
N PHE B 142 0.65 -6.29 -1.17
CA PHE B 142 1.05 -7.16 -0.05
C PHE B 142 2.18 -6.48 0.71
N LYS B 143 2.73 -5.39 0.14
CA LYS B 143 3.84 -4.61 0.70
C LYS B 143 3.85 -3.22 0.08
N TYR B 144 4.02 -2.20 0.92
CA TYR B 144 4.20 -0.82 0.51
C TYR B 144 5.59 -0.46 0.91
N GLN B 145 6.30 0.15 0.00
CA GLN B 145 7.69 0.50 0.11
C GLN B 145 7.95 1.68 -0.82
N GLY B 146 9.14 1.79 -1.36
CA GLY B 146 9.43 2.87 -2.29
C GLY B 146 10.78 2.75 -2.91
N LEU B 147 11.27 3.84 -3.46
CA LEU B 147 12.56 3.88 -4.12
C LEU B 147 13.57 4.65 -3.29
N THR B 148 14.80 4.11 -3.21
CA THR B 148 15.89 4.73 -2.48
C THR B 148 17.16 4.45 -3.24
N ILE B 149 18.28 4.97 -2.74
CA ILE B 149 19.58 4.87 -3.42
C ILE B 149 20.56 4.10 -2.54
N LEU B 150 21.25 3.12 -3.12
CA LEU B 150 22.24 2.33 -2.43
C LEU B 150 23.64 2.77 -2.84
N VAL B 151 24.49 3.03 -1.83
CA VAL B 151 25.88 3.47 -2.02
C VAL B 151 26.81 2.70 -1.08
N LYS B 152 28.12 2.64 -1.45
CA LYS B 152 29.20 2.07 -0.63
C LYS B 152 29.43 3.09 0.47
N LYS B 153 29.51 2.64 1.74
CA LYS B 153 29.75 3.51 2.90
C LYS B 153 30.96 4.42 2.65
N GLY B 154 30.78 5.72 2.84
CA GLY B 154 31.79 6.73 2.55
C GLY B 154 31.41 7.62 1.38
N THR B 155 30.42 7.18 0.55
CA THR B 155 29.91 7.95 -0.58
C THR B 155 28.90 8.93 0.00
N ARG B 156 29.15 10.25 -0.19
CA ARG B 156 28.27 11.27 0.37
C ARG B 156 27.35 11.92 -0.66
N ILE B 157 26.18 11.29 -0.85
CA ILE B 157 25.08 11.72 -1.72
C ILE B 157 23.96 12.12 -0.76
N THR B 158 23.22 13.20 -1.07
CA THR B 158 22.11 13.65 -0.22
C THR B 158 20.82 12.88 -0.52
N GLY B 159 20.69 12.44 -1.77
CA GLY B 159 19.52 11.72 -2.26
C GLY B 159 19.25 12.02 -3.72
N ILE B 160 17.97 11.98 -4.12
CA ILE B 160 17.52 12.20 -5.51
C ILE B 160 17.90 13.59 -6.08
N ASN B 161 18.01 14.62 -5.20
CA ASN B 161 18.31 16.02 -5.59
C ASN B 161 19.79 16.37 -5.53
N ASP B 162 20.67 15.37 -5.39
CA ASP B 162 22.11 15.59 -5.36
C ASP B 162 22.64 16.04 -6.74
N PRO B 163 23.54 17.07 -6.81
CA PRO B 163 24.07 17.52 -8.10
C PRO B 163 24.79 16.45 -8.93
N ARG B 164 25.41 15.44 -8.28
CA ARG B 164 26.09 14.33 -8.97
C ARG B 164 25.07 13.41 -9.69
N LEU B 165 23.80 13.47 -9.24
CA LEU B 165 22.70 12.75 -9.88
C LEU B 165 21.97 13.69 -10.90
N ARG B 166 21.56 14.90 -10.47
CA ARG B 166 20.79 15.82 -11.31
C ARG B 166 21.57 16.39 -12.49
N ASN B 167 22.89 16.62 -12.31
CA ASN B 167 23.79 17.15 -13.33
C ASN B 167 24.97 16.16 -13.41
N PRO B 168 24.77 14.99 -14.06
CA PRO B 168 25.81 13.95 -14.06
C PRO B 168 27.01 14.13 -14.99
N SER B 169 27.95 13.17 -14.89
CA SER B 169 29.19 13.00 -15.64
C SER B 169 29.62 11.54 -15.47
N ASP B 170 30.59 11.07 -16.29
CA ASP B 170 31.12 9.71 -16.24
C ASP B 170 31.98 9.48 -14.97
N LYS B 171 32.17 10.54 -14.16
CA LYS B 171 32.93 10.51 -12.91
C LYS B 171 32.15 9.77 -11.82
N PHE B 172 30.81 9.95 -11.78
CA PHE B 172 29.93 9.32 -10.79
C PHE B 172 28.80 8.52 -11.50
N ILE B 173 29.05 7.24 -11.73
CA ILE B 173 28.14 6.31 -12.40
C ILE B 173 27.00 5.85 -11.48
N TYR B 174 25.75 6.03 -11.94
CA TYR B 174 24.56 5.55 -11.21
C TYR B 174 23.62 4.80 -12.17
N ALA B 175 22.89 3.81 -11.65
CA ALA B 175 22.04 2.95 -12.47
C ALA B 175 20.91 2.29 -11.71
N THR B 176 20.06 1.58 -12.45
CA THR B 176 18.99 0.75 -11.95
C THR B 176 19.02 -0.59 -12.68
N VAL B 177 17.96 -1.37 -12.57
CA VAL B 177 17.86 -2.65 -13.25
C VAL B 177 17.11 -2.41 -14.55
N LYS B 178 17.61 -2.97 -15.65
CA LYS B 178 16.97 -2.92 -16.95
C LYS B 178 15.60 -3.60 -16.88
N GLN B 179 14.66 -3.12 -17.69
CA GLN B 179 13.30 -3.67 -17.87
C GLN B 179 12.55 -3.92 -16.55
N SER B 180 12.68 -2.95 -15.64
CA SER B 180 12.03 -2.92 -14.34
C SER B 180 11.14 -1.67 -14.22
N SER B 181 10.27 -1.65 -13.22
CA SER B 181 9.39 -0.51 -12.89
C SER B 181 10.20 0.77 -12.64
N VAL B 182 11.44 0.65 -12.10
CA VAL B 182 12.31 1.83 -11.85
C VAL B 182 12.72 2.41 -13.19
N ASP B 183 13.02 1.52 -14.17
CA ASP B 183 13.36 1.95 -15.53
C ASP B 183 12.15 2.72 -16.15
N ILE B 184 10.92 2.14 -16.03
CA ILE B 184 9.64 2.75 -16.48
C ILE B 184 9.45 4.14 -15.83
N TYR B 185 9.70 4.24 -14.51
CA TYR B 185 9.54 5.47 -13.71
C TYR B 185 10.39 6.61 -14.26
N PHE B 186 11.71 6.36 -14.45
CA PHE B 186 12.65 7.39 -14.94
C PHE B 186 12.41 7.78 -16.42
N ARG B 187 11.98 6.83 -17.27
CA ARG B 187 11.66 7.04 -18.68
C ARG B 187 10.40 7.88 -18.87
N ARG B 188 9.36 7.60 -18.08
CA ARG B 188 8.06 8.30 -18.13
C ARG B 188 8.15 9.77 -17.63
N GLN B 189 8.78 10.00 -16.48
CA GLN B 189 8.87 11.34 -15.87
C GLN B 189 9.93 12.24 -16.53
N VAL B 190 9.50 13.18 -17.43
CA VAL B 190 10.38 14.14 -18.15
C VAL B 190 11.34 14.88 -17.19
N GLU B 191 10.87 15.21 -15.97
CA GLU B 191 11.66 15.86 -14.90
C GLU B 191 12.93 15.05 -14.52
N LEU B 192 12.96 13.73 -14.84
CA LEU B 192 14.07 12.80 -14.56
C LEU B 192 14.82 12.37 -15.83
N SER B 193 14.50 12.97 -17.01
CA SER B 193 15.15 12.61 -18.29
C SER B 193 16.66 12.72 -18.26
N THR B 194 17.19 13.74 -17.56
CA THR B 194 18.65 13.89 -17.42
C THR B 194 19.19 12.62 -16.72
N MET B 195 18.50 12.17 -15.67
CA MET B 195 18.85 10.96 -14.93
C MET B 195 18.68 9.71 -15.79
N TYR B 196 17.54 9.57 -16.48
CA TYR B 196 17.24 8.45 -17.36
C TYR B 196 18.32 8.23 -18.42
N ARG B 197 18.78 9.33 -19.05
CA ARG B 197 19.82 9.25 -20.10
C ARG B 197 21.16 8.74 -19.59
N HIS B 198 21.53 9.10 -18.34
CA HIS B 198 22.77 8.64 -17.71
C HIS B 198 22.58 7.18 -17.33
N MET B 199 21.44 6.83 -16.70
CA MET B 199 21.11 5.47 -16.26
C MET B 199 21.08 4.46 -17.39
N GLU B 200 20.43 4.77 -18.55
CA GLU B 200 20.33 3.84 -19.69
C GLU B 200 21.71 3.43 -20.27
N LYS B 201 22.77 4.18 -19.96
CA LYS B 201 24.11 3.82 -20.41
C LYS B 201 24.77 2.79 -19.47
N HIS B 202 24.28 2.68 -18.20
CA HIS B 202 24.91 1.79 -17.22
C HIS B 202 23.98 0.81 -16.46
N ASN B 203 22.69 0.70 -16.85
CA ASN B 203 21.73 -0.18 -16.18
C ASN B 203 22.17 -1.66 -16.20
N TYR B 204 21.90 -2.39 -15.10
CA TYR B 204 22.28 -3.80 -14.92
C TYR B 204 21.14 -4.79 -15.24
N GLU B 205 21.51 -6.07 -15.48
CA GLU B 205 20.59 -7.15 -15.83
C GLU B 205 19.74 -7.60 -14.65
N SER B 206 20.30 -7.51 -13.45
CA SER B 206 19.61 -7.93 -12.24
C SER B 206 20.05 -7.08 -11.07
N ALA B 207 19.23 -7.00 -10.01
CA ALA B 207 19.55 -6.26 -8.78
C ALA B 207 20.85 -6.79 -8.13
N ALA B 208 21.05 -8.13 -8.08
CA ALA B 208 22.26 -8.75 -7.51
C ALA B 208 23.55 -8.29 -8.17
N GLU B 209 23.57 -8.18 -9.50
CA GLU B 209 24.75 -7.71 -10.24
C GLU B 209 25.08 -6.26 -9.93
N ALA B 210 24.03 -5.42 -9.79
CA ALA B 210 24.12 -4.01 -9.47
C ALA B 210 24.61 -3.81 -8.03
N ILE B 211 24.07 -4.61 -7.06
CA ILE B 211 24.48 -4.57 -5.66
C ILE B 211 25.98 -4.98 -5.57
N GLN B 212 26.39 -6.00 -6.34
CA GLN B 212 27.78 -6.47 -6.40
C GLN B 212 28.68 -5.36 -6.96
N ALA B 213 28.26 -4.71 -8.06
CA ALA B 213 28.98 -3.62 -8.73
C ALA B 213 29.24 -2.43 -7.82
N VAL B 214 28.31 -2.12 -6.90
CA VAL B 214 28.45 -1.06 -5.89
C VAL B 214 29.57 -1.48 -4.92
N ARG B 215 29.62 -2.77 -4.56
CA ARG B 215 30.64 -3.33 -3.66
C ARG B 215 32.02 -3.25 -4.31
N ASP B 216 32.15 -3.67 -5.58
CA ASP B 216 33.41 -3.66 -6.33
C ASP B 216 33.85 -2.25 -6.79
N ASN B 217 33.16 -1.19 -6.26
CA ASN B 217 33.40 0.22 -6.58
CA ASN B 217 33.38 0.24 -6.58
C ASN B 217 33.28 0.51 -8.10
N LYS B 218 32.51 -0.36 -8.81
CA LYS B 218 32.25 -0.28 -10.25
C LYS B 218 30.99 0.54 -10.55
N LEU B 219 30.14 0.74 -9.51
CA LEU B 219 28.90 1.50 -9.54
C LEU B 219 28.85 2.35 -8.29
N HIS B 220 28.60 3.63 -8.45
CA HIS B 220 28.62 4.56 -7.33
C HIS B 220 27.27 4.68 -6.65
N ALA B 221 26.18 4.49 -7.38
CA ALA B 221 24.85 4.53 -6.79
C ALA B 221 23.90 3.60 -7.52
N PHE B 222 23.14 2.82 -6.76
CA PHE B 222 22.13 1.92 -7.32
C PHE B 222 20.73 2.37 -6.87
N ILE B 223 19.90 2.79 -7.81
CA ILE B 223 18.54 3.26 -7.53
C ILE B 223 17.59 2.07 -7.68
N TRP B 224 16.95 1.68 -6.57
CA TRP B 224 16.11 0.48 -6.50
C TRP B 224 15.14 0.50 -5.36
N ASP B 225 14.37 -0.60 -5.21
CA ASP B 225 13.36 -0.83 -4.20
C ASP B 225 13.98 -0.79 -2.82
N SER B 226 13.41 0.06 -1.93
CA SER B 226 13.83 0.20 -0.52
C SER B 226 13.69 -1.11 0.27
N ALA B 227 12.62 -1.90 0.00
CA ALA B 227 12.40 -3.19 0.69
C ALA B 227 13.56 -4.14 0.43
N VAL B 228 14.19 -4.03 -0.76
CA VAL B 228 15.35 -4.83 -1.16
C VAL B 228 16.65 -4.18 -0.65
N LEU B 229 16.89 -2.88 -0.95
CA LEU B 229 18.12 -2.18 -0.57
C LEU B 229 18.36 -2.06 0.94
N GLU B 230 17.30 -1.84 1.75
CA GLU B 230 17.42 -1.73 3.21
C GLU B 230 17.76 -3.08 3.78
N PHE B 231 17.20 -4.17 3.20
CA PHE B 231 17.51 -5.53 3.62
C PHE B 231 18.97 -5.82 3.27
N GLU B 232 19.42 -5.40 2.06
CA GLU B 232 20.81 -5.57 1.62
C GLU B 232 21.78 -4.77 2.49
N ALA B 233 21.40 -3.54 2.91
CA ALA B 233 22.26 -2.70 3.77
C ALA B 233 22.46 -3.35 5.14
N SER B 234 21.36 -3.85 5.75
CA SER B 234 21.33 -4.51 7.06
C SER B 234 22.19 -5.79 7.15
N GLN B 235 22.51 -6.39 6.00
CA GLN B 235 23.28 -7.62 5.87
C GLN B 235 24.73 -7.36 5.42
N LYS B 236 24.94 -6.40 4.51
CA LYS B 236 26.25 -6.01 3.98
C LYS B 236 26.57 -4.60 4.53
N CYS B 237 27.20 -4.57 5.74
CA CYS B 237 27.54 -3.37 6.51
C CYS B 237 28.45 -2.33 5.79
N ASP B 238 29.03 -2.72 4.64
CA ASP B 238 29.85 -1.90 3.74
C ASP B 238 28.97 -1.06 2.78
N LEU B 239 27.65 -1.38 2.71
CA LEU B 239 26.67 -0.69 1.87
C LEU B 239 25.63 -0.03 2.73
N VAL B 240 25.18 1.16 2.35
CA VAL B 240 24.17 1.91 3.10
C VAL B 240 23.23 2.57 2.07
N THR B 241 22.01 2.87 2.49
CA THR B 241 21.08 3.58 1.63
C THR B 241 21.25 5.05 1.95
N THR B 242 20.97 5.92 0.97
CA THR B 242 21.11 7.35 1.20
C THR B 242 19.79 8.05 1.05
N GLY B 243 19.37 8.65 2.16
CA GLY B 243 18.10 9.36 2.28
C GLY B 243 16.97 8.42 2.63
N GLU B 244 15.73 8.93 2.47
CA GLU B 244 14.55 8.11 2.73
C GLU B 244 14.04 7.64 1.36
N LEU B 245 12.73 7.71 1.13
CA LEU B 245 12.19 7.33 -0.17
C LEU B 245 11.86 8.58 -0.93
N PHE B 246 12.25 8.64 -2.22
CA PHE B 246 11.93 9.80 -3.07
C PHE B 246 10.65 9.53 -3.84
N PHE B 247 10.17 8.28 -3.82
CA PHE B 247 8.94 7.82 -4.46
C PHE B 247 8.46 6.62 -3.67
N ARG B 248 7.15 6.40 -3.65
CA ARG B 248 6.57 5.31 -2.91
C ARG B 248 5.75 4.43 -3.79
N SER B 249 5.95 3.11 -3.66
CA SER B 249 5.24 2.15 -4.50
C SER B 249 4.97 0.87 -3.74
N GLY B 250 3.99 0.13 -4.21
CA GLY B 250 3.60 -1.13 -3.59
C GLY B 250 3.81 -2.34 -4.50
N PHE B 251 3.90 -3.55 -3.89
CA PHE B 251 4.01 -4.81 -4.62
C PHE B 251 2.67 -5.52 -4.57
N GLY B 252 2.29 -6.12 -5.68
CA GLY B 252 1.05 -6.88 -5.74
C GLY B 252 1.24 -8.15 -6.50
N ILE B 253 0.25 -9.06 -6.41
CA ILE B 253 0.19 -10.29 -7.19
C ILE B 253 -0.37 -9.89 -8.57
N GLY B 254 0.23 -10.46 -9.62
CA GLY B 254 -0.14 -10.24 -11.02
C GLY B 254 -0.93 -11.42 -11.58
N MET B 255 -2.06 -11.13 -12.24
CA MET B 255 -2.95 -12.11 -12.89
C MET B 255 -3.46 -11.50 -14.19
N ARG B 256 -3.97 -12.35 -15.14
CA ARG B 256 -4.60 -11.85 -16.35
C ARG B 256 -5.98 -11.28 -15.92
N LYS B 257 -6.44 -10.19 -16.59
CA LYS B 257 -7.72 -9.50 -16.25
C LYS B 257 -8.94 -10.43 -16.17
N ASP B 258 -8.89 -11.58 -16.86
CA ASP B 258 -9.92 -12.63 -16.92
C ASP B 258 -9.77 -13.73 -15.84
N SER B 259 -8.69 -13.69 -15.02
CA SER B 259 -8.45 -14.73 -13.98
C SER B 259 -9.64 -14.98 -13.03
N PRO B 260 -10.07 -16.26 -12.82
CA PRO B 260 -11.18 -16.49 -11.88
C PRO B 260 -10.74 -16.50 -10.41
N TRP B 261 -9.44 -16.23 -10.15
CA TRP B 261 -8.79 -16.21 -8.83
C TRP B 261 -8.58 -14.80 -8.29
N LYS B 262 -8.80 -13.77 -9.12
CA LYS B 262 -8.49 -12.38 -8.78
C LYS B 262 -9.23 -11.83 -7.56
N GLN B 263 -10.53 -12.09 -7.38
CA GLN B 263 -11.21 -11.58 -6.19
C GLN B 263 -10.69 -12.22 -4.91
N ASN B 264 -10.56 -13.56 -4.91
CA ASN B 264 -10.11 -14.30 -3.73
C ASN B 264 -8.62 -14.07 -3.41
N VAL B 265 -7.79 -13.74 -4.42
CA VAL B 265 -6.39 -13.36 -4.18
C VAL B 265 -6.36 -12.09 -3.33
N SER B 266 -7.10 -11.04 -3.74
CA SER B 266 -7.13 -9.78 -2.99
C SER B 266 -7.70 -9.94 -1.59
N LEU B 267 -8.80 -10.69 -1.48
CA LEU B 267 -9.45 -10.97 -0.19
C LEU B 267 -8.47 -11.65 0.76
N SER B 268 -7.67 -12.63 0.25
CA SER B 268 -6.69 -13.36 1.06
CA SER B 268 -6.69 -13.35 1.07
C SER B 268 -5.56 -12.43 1.52
N ILE B 269 -5.12 -11.49 0.66
CA ILE B 269 -4.05 -10.54 1.01
C ILE B 269 -4.51 -9.58 2.12
N LEU B 270 -5.75 -9.11 2.04
CA LEU B 270 -6.40 -8.26 3.05
C LEU B 270 -6.52 -9.06 4.33
N LYS B 271 -6.99 -10.31 4.25
CA LYS B 271 -7.07 -11.16 5.45
C LYS B 271 -5.71 -11.28 6.13
N SER B 272 -4.64 -11.55 5.36
CA SER B 272 -3.27 -11.68 5.88
C SER B 272 -2.72 -10.40 6.48
N HIS B 273 -3.09 -9.22 5.94
CA HIS B 273 -2.62 -7.98 6.54
C HIS B 273 -3.34 -7.81 7.90
N GLU B 274 -4.66 -8.01 7.90
CA GLU B 274 -5.54 -7.81 9.06
C GLU B 274 -5.30 -8.73 10.26
N ASN B 275 -4.85 -9.98 10.03
CA ASN B 275 -4.61 -10.94 11.13
C ASN B 275 -3.13 -11.01 11.56
N GLY B 276 -2.31 -10.11 11.01
CA GLY B 276 -0.89 -10.09 11.36
C GLY B 276 -0.01 -11.08 10.61
N PHE B 277 -0.57 -11.91 9.71
CA PHE B 277 0.22 -12.87 8.92
C PHE B 277 1.31 -12.13 8.08
N MET B 278 0.92 -11.03 7.42
CA MET B 278 1.84 -10.25 6.57
C MET B 278 3.00 -9.63 7.38
N GLU B 279 2.68 -9.21 8.60
CA GLU B 279 3.64 -8.63 9.55
C GLU B 279 4.57 -9.75 10.03
N ASP B 280 4.03 -10.98 10.22
CA ASP B 280 4.84 -12.15 10.56
C ASP B 280 5.89 -12.38 9.46
N LEU B 281 5.45 -12.38 8.17
CA LEU B 281 6.36 -12.56 7.02
C LEU B 281 7.42 -11.48 6.99
N ASP B 282 7.02 -10.23 7.29
CA ASP B 282 7.98 -9.13 7.33
C ASP B 282 9.05 -9.36 8.39
N LYS B 283 8.66 -9.84 9.58
CA LYS B 283 9.57 -10.16 10.67
C LYS B 283 10.52 -11.33 10.32
N THR B 284 9.99 -12.42 9.76
CA THR B 284 10.75 -13.60 9.34
C THR B 284 11.82 -13.26 8.25
N TRP B 285 11.41 -12.57 7.16
CA TRP B 285 12.24 -12.34 5.99
C TRP B 285 12.89 -10.98 5.84
N VAL B 286 12.23 -9.90 6.28
CA VAL B 286 12.74 -8.53 6.16
C VAL B 286 13.34 -8.03 7.50
N ARG B 287 12.50 -7.64 8.47
CA ARG B 287 13.00 -7.14 9.76
C ARG B 287 13.28 -8.26 10.76
C ACT C . -29.13 10.35 -1.74
O ACT C . -28.41 10.28 -2.77
OXT ACT C . -29.14 11.29 -0.90
CH3 ACT C . -30.12 9.19 -1.50
N GLU D . -11.10 4.99 8.20
CA GLU D . -11.91 4.15 9.10
C GLU D . -12.99 3.44 8.36
O GLU D . -13.06 3.57 7.11
CB GLU D . -12.54 4.99 10.25
CG GLU D . -11.61 5.26 11.43
CD GLU D . -11.12 4.03 12.16
OE1 GLU D . -9.90 3.92 12.36
OE2 GLU D . -11.95 3.15 12.49
OXT GLU D . -13.78 2.73 9.00
N GLY E . 9.84 -4.19 -8.15
CA GLY E . 10.49 -4.04 -9.45
C GLY E . 9.51 -4.30 -10.60
O GLY E . 9.91 -4.13 -11.76
OXT GLY E . 8.32 -4.59 -10.35
C4 6RM F . 0.06 0.34 -0.74
C14 6RM F . 0.09 2.90 -4.32
C5 6RM F . -0.30 0.98 0.39
C6 6RM F . -0.53 2.95 -0.71
C11 6RM F . -4.35 -2.42 0.94
C7 6RM F . -0.29 0.35 1.73
C8 6RM F . -1.85 -1.47 1.41
C9 6RM F . -2.11 -2.81 1.54
C10 6RM F . -3.38 -3.31 1.31
C12 6RM F . -4.12 -1.08 0.80
C13 6RM F . -2.85 -0.61 1.02
N1 6RM F . -0.62 2.31 0.42
C3 6RM F . 0.15 1.03 -1.97
F 6RM F . -5.59 -2.90 0.70
O1 6RM F . -0.61 -1.02 1.73
O 6RM F . 0.50 0.55 -3.02
S 6RM F . -0.83 4.65 -0.85
C1 6RM F . -0.48 4.58 -2.53
C 6RM F . -0.50 5.85 -3.32
N 6RM F . -0.18 2.41 -1.91
C2 6RM F . -0.17 3.35 -2.91
C16 6RM F . -1.07 2.21 -4.99
C15 6RM F . -0.63 3.54 -5.46
C17 6RM F . -0.86 0.98 -5.86
O2 6RM F . -1.46 -0.16 -5.30
#